data_7AVN
#
_entry.id   7AVN
#
_cell.length_a   40.686
_cell.length_b   56.628
_cell.length_c   57.386
_cell.angle_alpha   63.660
_cell.angle_beta   78.980
_cell.angle_gamma   80.330
#
_symmetry.space_group_name_H-M   'P 1'
#
loop_
_entity.id
_entity.type
_entity.pdbx_description
1 polymer Bacteriorhodopsin
2 non-polymer EICOSANE
3 non-polymer '(2S)-2,3-dihydroxypropyl (9Z)-octadec-9-enoate'
4 non-polymer '(2R)-2,3-dihydroxypropyl (9Z)-octadec-9-enoate'
5 non-polymer RETINAL
6 water water
#
_entity_poly.entity_id   1
_entity_poly.type   'polypeptide(L)'
_entity_poly.pdbx_seq_one_letter_code
;MEELTYRLFMVATVGMLAGTVFLLASSREVKPEHRRGVYISALVCGIAWYHYQKMGASWESGSYDTGLRYVDWVLTVPLM
FVEVLAVTRKGAAYNEAVRNWGIAATVMIGAGYYGETSAAGSNEYWTGFVIAMATYVWLMRNLQAEGEGLKGDQAVAFEN
IKNLILVGWIIYPLGYIAPVVGDFDAIREVLYTIADIINKVGLGVLVLQMARVQSGEKVS
;
_entity_poly.pdbx_strand_id   A,B
#
loop_
_chem_comp.id
_chem_comp.type
_chem_comp.name
_chem_comp.formula
LFA non-polymer EICOSANE 'C20 H42'
OLB non-polymer '(2S)-2,3-dihydroxypropyl (9Z)-octadec-9-enoate' 'C21 H40 O4'
OLC non-polymer '(2R)-2,3-dihydroxypropyl (9Z)-octadec-9-enoate' 'C21 H40 O4'
RET non-polymer RETINAL 'C20 H28 O'
#
# COMPACT_ATOMS: atom_id res chain seq x y z
N MET A 1 -13.21 -28.39 -3.91
N MET A 1 -15.47 -28.70 -2.29
CA MET A 1 -14.49 -28.08 -3.21
CA MET A 1 -14.32 -27.98 -2.92
C MET A 1 -14.63 -26.56 -3.05
C MET A 1 -14.61 -26.48 -2.95
N GLU A 2 -15.85 -26.05 -3.20
CA GLU A 2 -16.19 -24.59 -3.18
C GLU A 2 -16.24 -24.10 -1.73
N GLU A 3 -16.79 -24.91 -0.81
CA GLU A 3 -16.84 -24.59 0.64
C GLU A 3 -15.42 -24.64 1.21
N LEU A 4 -14.57 -25.52 0.68
CA LEU A 4 -13.15 -25.63 1.09
C LEU A 4 -12.42 -24.34 0.70
N THR A 5 -12.56 -23.92 -0.56
CA THR A 5 -11.91 -22.70 -1.11
C THR A 5 -12.26 -21.51 -0.21
N TYR A 6 -13.53 -21.39 0.18
CA TYR A 6 -14.03 -20.31 1.06
C TYR A 6 -13.43 -20.41 2.48
N ARG A 7 -13.45 -21.60 3.08
CA ARG A 7 -12.89 -21.83 4.44
C ARG A 7 -11.41 -21.45 4.45
N LEU A 8 -10.69 -21.83 3.39
CA LEU A 8 -9.24 -21.51 3.29
C LEU A 8 -9.04 -20.00 3.19
N PHE A 9 -9.90 -19.27 2.50
CA PHE A 9 -9.82 -17.78 2.43
C PHE A 9 -9.89 -17.23 3.86
N MET A 10 -10.77 -17.77 4.69
CA MET A 10 -10.94 -17.31 6.09
CA MET A 10 -10.94 -17.30 6.09
C MET A 10 -9.70 -17.70 6.92
N VAL A 11 -9.15 -18.90 6.71
CA VAL A 11 -7.92 -19.31 7.44
C VAL A 11 -6.76 -18.38 7.02
N ALA A 12 -6.64 -18.08 5.73
CA ALA A 12 -5.59 -17.14 5.23
C ALA A 12 -5.77 -15.77 5.88
N THR A 13 -7.00 -15.26 5.95
CA THR A 13 -7.28 -13.91 6.52
C THR A 13 -6.69 -13.91 7.94
N VAL A 14 -7.00 -14.94 8.72
CA VAL A 14 -6.60 -14.94 10.13
C VAL A 14 -5.08 -15.14 10.23
N GLY A 15 -4.50 -16.04 9.42
CA GLY A 15 -3.04 -16.25 9.40
C GLY A 15 -2.28 -14.98 9.01
N MET A 16 -2.78 -14.26 8.00
CA MET A 16 -2.10 -13.03 7.54
C MET A 16 -2.13 -11.98 8.66
N LEU A 17 -3.25 -11.81 9.35
CA LEU A 17 -3.34 -10.81 10.43
C LEU A 17 -2.43 -11.24 11.58
N ALA A 18 -2.41 -12.53 11.92
CA ALA A 18 -1.52 -13.05 12.99
C ALA A 18 -0.08 -12.73 12.60
N GLY A 19 0.29 -12.95 11.34
CA GLY A 19 1.64 -12.60 10.91
C GLY A 19 1.93 -11.11 11.02
N THR A 20 0.99 -10.25 10.61
CA THR A 20 1.14 -8.79 10.68
C THR A 20 1.46 -8.38 12.13
N VAL A 21 0.64 -8.83 13.06
CA VAL A 21 0.73 -8.37 14.48
C VAL A 21 1.98 -9.02 15.10
N PHE A 22 2.29 -10.27 14.75
CA PHE A 22 3.54 -10.91 15.26
C PHE A 22 4.75 -10.06 14.85
N LEU A 23 4.81 -9.69 13.57
CA LEU A 23 6.00 -9.01 13.04
C LEU A 23 6.09 -7.59 13.62
N LEU A 24 4.96 -6.89 13.74
CA LEU A 24 4.99 -5.52 14.31
C LEU A 24 5.47 -5.60 15.77
N ALA A 25 4.91 -6.51 16.56
CA ALA A 25 5.25 -6.69 17.99
C ALA A 25 6.74 -7.06 18.11
N SER A 26 7.25 -7.93 17.21
CA SER A 26 8.64 -8.46 17.27
C SER A 26 9.65 -7.42 16.79
N SER A 27 9.21 -6.38 16.07
CA SER A 27 10.05 -5.32 15.47
C SER A 27 10.91 -4.64 16.55
N ARG A 28 10.39 -4.59 17.78
CA ARG A 28 11.04 -3.89 18.92
C ARG A 28 12.15 -4.78 19.50
N GLU A 29 12.20 -6.06 19.12
CA GLU A 29 13.20 -7.03 19.64
C GLU A 29 14.48 -6.97 18.79
N VAL A 30 14.47 -6.19 17.70
CA VAL A 30 15.64 -6.00 16.80
C VAL A 30 16.02 -4.52 16.81
N LYS A 31 17.27 -4.19 16.43
CA LYS A 31 17.80 -2.81 16.48
C LYS A 31 17.18 -2.00 15.36
N PRO A 32 17.00 -0.68 15.57
CA PRO A 32 16.34 0.20 14.59
C PRO A 32 16.92 0.12 13.18
N GLU A 33 18.25 -0.02 13.07
CA GLU A 33 18.98 -0.04 11.78
C GLU A 33 18.67 -1.31 10.97
N HIS A 34 18.00 -2.29 11.58
CA HIS A 34 17.64 -3.58 10.92
C HIS A 34 16.13 -3.81 10.92
N ARG A 35 15.32 -2.81 11.29
CA ARG A 35 13.86 -2.99 11.46
C ARG A 35 13.12 -2.89 10.13
N ARG A 36 13.70 -2.20 9.14
CA ARG A 36 13.01 -1.83 7.88
C ARG A 36 12.36 -3.08 7.24
N GLY A 37 13.13 -4.14 7.07
CA GLY A 37 12.61 -5.41 6.49
C GLY A 37 11.48 -5.99 7.30
N VAL A 38 11.52 -5.91 8.64
CA VAL A 38 10.45 -6.46 9.50
C VAL A 38 9.16 -5.62 9.25
N TYR A 39 9.29 -4.29 9.18
CA TYR A 39 8.12 -3.41 8.93
C TYR A 39 7.51 -3.72 7.56
N ILE A 40 8.34 -3.82 6.53
CA ILE A 40 7.86 -4.13 5.16
C ILE A 40 7.20 -5.52 5.19
N SER A 41 7.79 -6.49 5.89
CA SER A 41 7.21 -7.84 6.02
C SER A 41 5.79 -7.78 6.60
N ALA A 42 5.59 -6.99 7.67
CA ALA A 42 4.29 -6.81 8.31
C ALA A 42 3.30 -6.18 7.31
N LEU A 43 3.78 -5.20 6.54
CA LEU A 43 2.94 -4.51 5.53
C LEU A 43 2.46 -5.53 4.49
N VAL A 44 3.36 -6.38 4.01
CA VAL A 44 2.98 -7.45 3.05
C VAL A 44 1.85 -8.32 3.65
N CYS A 45 1.98 -8.75 4.91
CA CYS A 45 0.96 -9.62 5.54
C CYS A 45 -0.34 -8.83 5.72
N GLY A 46 -0.25 -7.53 6.02
CA GLY A 46 -1.43 -6.68 6.23
C GLY A 46 -2.19 -6.45 4.95
N ILE A 47 -1.49 -6.20 3.85
CA ILE A 47 -2.15 -6.09 2.51
C ILE A 47 -2.86 -7.41 2.19
N ALA A 48 -2.20 -8.55 2.38
CA ALA A 48 -2.77 -9.85 2.05
C ALA A 48 -3.97 -10.12 2.96
N TRP A 49 -3.89 -9.73 4.24
CA TRP A 49 -5.03 -9.84 5.18
C TRP A 49 -6.24 -9.14 4.56
N TYR A 50 -6.06 -7.89 4.13
CA TYR A 50 -7.18 -7.10 3.54
C TYR A 50 -7.70 -7.81 2.30
N HIS A 51 -6.80 -8.26 1.41
CA HIS A 51 -7.24 -8.91 0.15
C HIS A 51 -7.93 -10.25 0.40
N TYR A 52 -7.50 -11.05 1.37
CA TYR A 52 -8.12 -12.37 1.64
C TYR A 52 -9.52 -12.17 2.22
N GLN A 53 -9.74 -11.10 2.98
CA GLN A 53 -11.12 -10.73 3.40
C GLN A 53 -11.96 -10.47 2.15
N LYS A 54 -11.43 -9.70 1.19
CA LYS A 54 -12.20 -9.32 -0.03
CA LYS A 54 -12.19 -9.33 -0.04
C LYS A 54 -12.41 -10.57 -0.90
N MET A 55 -11.40 -11.45 -0.98
CA MET A 55 -11.53 -12.67 -1.80
C MET A 55 -12.64 -13.56 -1.22
N GLY A 56 -12.68 -13.72 0.11
CA GLY A 56 -13.67 -14.53 0.81
C GLY A 56 -15.08 -14.00 0.59
N ALA A 57 -15.25 -12.68 0.64
CA ALA A 57 -16.53 -11.98 0.40
C ALA A 57 -16.94 -12.16 -1.07
N SER A 58 -16.01 -11.93 -1.99
CA SER A 58 -16.20 -12.07 -3.46
C SER A 58 -16.66 -13.50 -3.77
N TRP A 59 -16.01 -14.48 -3.14
CA TRP A 59 -16.27 -15.94 -3.33
C TRP A 59 -17.69 -16.30 -2.90
N GLU A 60 -18.06 -15.97 -1.65
CA GLU A 60 -19.38 -16.35 -1.06
CA GLU A 60 -19.37 -16.32 -1.04
C GLU A 60 -20.50 -15.68 -1.84
N SER A 61 -20.25 -14.51 -2.43
CA SER A 61 -21.22 -13.68 -3.17
C SER A 61 -21.56 -14.30 -4.52
N GLY A 62 -20.70 -15.18 -5.03
CA GLY A 62 -20.86 -15.89 -6.32
C GLY A 62 -20.26 -15.13 -7.48
N SER A 63 -19.51 -14.05 -7.21
CA SER A 63 -18.90 -13.18 -8.24
C SER A 63 -17.38 -13.19 -8.13
N TYR A 64 -16.77 -14.35 -7.84
CA TYR A 64 -15.32 -14.42 -7.52
C TYR A 64 -14.52 -13.72 -8.64
N ASP A 65 -13.91 -12.59 -8.28
CA ASP A 65 -13.06 -11.76 -9.17
C ASP A 65 -11.62 -12.30 -9.07
N THR A 66 -11.20 -13.08 -10.07
CA THR A 66 -9.83 -13.63 -10.25
C THR A 66 -8.78 -12.51 -10.24
N GLY A 67 -9.20 -11.27 -10.50
CA GLY A 67 -8.32 -10.08 -10.50
C GLY A 67 -7.87 -9.66 -9.09
N LEU A 68 -8.60 -10.02 -8.05
CA LEU A 68 -8.24 -9.61 -6.66
C LEU A 68 -6.87 -10.22 -6.34
N ARG A 69 -6.67 -11.48 -6.70
CA ARG A 69 -5.39 -12.21 -6.47
CA ARG A 69 -5.40 -12.20 -6.47
C ARG A 69 -4.24 -11.42 -7.12
N TYR A 70 -4.41 -10.98 -8.37
CA TYR A 70 -3.32 -10.27 -9.08
C TYR A 70 -3.10 -8.86 -8.51
N VAL A 71 -4.15 -8.18 -8.02
CA VAL A 71 -3.94 -6.87 -7.36
C VAL A 71 -3.09 -7.15 -6.12
N ASP A 72 -3.37 -8.23 -5.40
CA ASP A 72 -2.58 -8.58 -4.19
C ASP A 72 -1.13 -8.85 -4.61
N TRP A 73 -0.94 -9.67 -5.63
CA TRP A 73 0.43 -10.06 -6.07
C TRP A 73 1.19 -8.83 -6.57
N VAL A 74 0.57 -7.94 -7.34
CA VAL A 74 1.34 -6.84 -7.97
C VAL A 74 1.87 -5.91 -6.89
N LEU A 75 1.20 -5.86 -5.74
CA LEU A 75 1.66 -5.05 -4.59
C LEU A 75 2.65 -5.86 -3.74
N THR A 76 2.30 -7.09 -3.38
CA THR A 76 3.07 -7.82 -2.33
C THR A 76 4.35 -8.44 -2.91
N VAL A 77 4.34 -8.88 -4.16
CA VAL A 77 5.51 -9.59 -4.73
C VAL A 77 6.70 -8.64 -4.83
N PRO A 78 6.58 -7.42 -5.40
CA PRO A 78 7.68 -6.48 -5.34
C PRO A 78 8.12 -6.16 -3.91
N LEU A 79 7.18 -5.95 -2.99
CA LEU A 79 7.49 -5.62 -1.56
C LEU A 79 8.26 -6.79 -0.94
N MET A 80 7.99 -8.03 -1.36
CA MET A 80 8.69 -9.18 -0.73
C MET A 80 10.16 -9.15 -1.13
N PHE A 81 10.48 -8.81 -2.39
CA PHE A 81 11.89 -8.60 -2.78
C PHE A 81 12.46 -7.46 -1.95
N VAL A 82 11.68 -6.41 -1.76
CA VAL A 82 12.16 -5.22 -1.00
C VAL A 82 12.49 -5.63 0.44
N GLU A 83 11.67 -6.46 1.08
CA GLU A 83 11.89 -6.80 2.51
C GLU A 83 13.19 -7.63 2.62
N VAL A 84 13.54 -8.40 1.61
CA VAL A 84 14.82 -9.14 1.54
C VAL A 84 15.97 -8.16 1.31
N LEU A 85 15.84 -7.28 0.33
CA LEU A 85 16.89 -6.26 0.06
C LEU A 85 17.11 -5.40 1.31
N ALA A 86 16.07 -5.17 2.12
CA ALA A 86 16.13 -4.32 3.33
C ALA A 86 17.09 -4.94 4.35
N VAL A 87 17.30 -6.26 4.30
CA VAL A 87 18.25 -6.93 5.25
C VAL A 87 19.58 -7.25 4.58
N THR A 88 19.69 -7.22 3.24
CA THR A 88 20.96 -7.54 2.53
C THR A 88 21.68 -6.26 2.09
N ARG A 89 20.97 -5.14 1.97
CA ARG A 89 21.57 -3.89 1.44
C ARG A 89 21.16 -2.69 2.30
N LYS A 90 21.88 -1.57 2.11
CA LYS A 90 21.48 -0.24 2.63
C LYS A 90 21.99 0.83 1.66
N GLY A 91 21.49 2.05 1.83
CA GLY A 91 21.93 3.23 1.05
C GLY A 91 21.61 3.08 -0.43
N ALA A 92 22.50 3.58 -1.28
CA ALA A 92 22.34 3.66 -2.75
C ALA A 92 22.09 2.25 -3.33
N ALA A 93 22.82 1.25 -2.87
CA ALA A 93 22.77 -0.14 -3.40
C ALA A 93 21.35 -0.70 -3.18
N TYR A 94 20.76 -0.40 -2.02
CA TYR A 94 19.38 -0.80 -1.64
C TYR A 94 18.39 -0.12 -2.58
N ASN A 95 18.49 1.20 -2.74
CA ASN A 95 17.55 1.98 -3.59
C ASN A 95 17.63 1.46 -5.04
N GLU A 96 18.83 1.18 -5.53
CA GLU A 96 19.06 0.70 -6.91
C GLU A 96 18.30 -0.62 -7.10
N ALA A 97 18.46 -1.56 -6.16
CA ALA A 97 17.87 -2.90 -6.27
C ALA A 97 16.34 -2.82 -6.08
N VAL A 98 15.87 -1.93 -5.20
CA VAL A 98 14.41 -1.74 -4.94
C VAL A 98 13.77 -1.35 -6.27
N ARG A 99 14.36 -0.38 -6.98
CA ARG A 99 13.88 0.06 -8.31
C ARG A 99 13.96 -1.11 -9.30
N ASN A 100 15.13 -1.73 -9.46
CA ASN A 100 15.38 -2.70 -10.55
C ASN A 100 14.58 -3.98 -10.29
N TRP A 101 14.70 -4.57 -9.10
CA TRP A 101 14.00 -5.85 -8.77
C TRP A 101 12.52 -5.57 -8.65
N GLY A 102 12.13 -4.42 -8.10
CA GLY A 102 10.71 -4.04 -7.93
C GLY A 102 10.01 -3.92 -9.29
N ILE A 103 10.66 -3.27 -10.25
CA ILE A 103 10.10 -3.15 -11.62
C ILE A 103 10.00 -4.55 -12.25
N ALA A 104 11.05 -5.37 -12.15
CA ALA A 104 11.07 -6.74 -12.71
C ALA A 104 9.87 -7.51 -12.12
N ALA A 105 9.67 -7.43 -10.80
CA ALA A 105 8.61 -8.20 -10.12
C ALA A 105 7.24 -7.72 -10.62
N THR A 106 7.08 -6.41 -10.79
CA THR A 106 5.82 -5.83 -11.32
C THR A 106 5.55 -6.36 -12.73
N VAL A 107 6.57 -6.35 -13.58
CA VAL A 107 6.47 -6.87 -14.98
C VAL A 107 6.08 -8.34 -14.96
N MET A 108 6.72 -9.14 -14.09
CA MET A 108 6.39 -10.57 -13.98
C MET A 108 4.88 -10.73 -13.69
N ILE A 109 4.37 -10.01 -12.68
CA ILE A 109 2.93 -10.15 -12.31
C ILE A 109 2.05 -9.61 -13.43
N GLY A 110 2.43 -8.50 -14.04
CA GLY A 110 1.66 -7.89 -15.14
C GLY A 110 1.58 -8.80 -16.34
N ALA A 111 2.70 -9.41 -16.73
CA ALA A 111 2.75 -10.41 -17.81
C ALA A 111 1.84 -11.59 -17.46
N GLY A 112 1.88 -12.06 -16.20
CA GLY A 112 1.01 -13.14 -15.74
C GLY A 112 -0.45 -12.74 -15.93
N TYR A 113 -0.78 -11.50 -15.59
CA TYR A 113 -2.19 -11.04 -15.61
C TYR A 113 -2.63 -10.97 -17.08
N TYR A 114 -1.77 -10.42 -17.93
CA TYR A 114 -2.00 -10.41 -19.41
C TYR A 114 -2.36 -11.83 -19.90
N GLY A 115 -1.61 -12.84 -19.49
CA GLY A 115 -1.82 -14.24 -19.92
C GLY A 115 -3.06 -14.85 -19.29
N GLU A 116 -3.28 -14.58 -18.00
CA GLU A 116 -4.40 -15.13 -17.20
C GLU A 116 -5.73 -14.68 -17.80
N THR A 117 -5.77 -13.45 -18.32
CA THR A 117 -7.01 -12.78 -18.80
C THR A 117 -7.21 -13.10 -20.29
N SER A 118 -6.68 -14.24 -20.72
CA SER A 118 -6.84 -14.73 -22.11
CA SER A 118 -6.79 -14.75 -22.11
C SER A 118 -7.31 -16.19 -22.05
N ALA A 119 -7.78 -16.72 -23.19
CA ALA A 119 -8.14 -18.15 -23.29
C ALA A 119 -6.89 -18.98 -22.97
N ALA A 120 -7.04 -19.99 -22.13
CA ALA A 120 -5.96 -20.92 -21.72
C ALA A 120 -5.40 -21.59 -22.98
N GLY A 121 -4.09 -21.56 -23.16
CA GLY A 121 -3.39 -22.19 -24.29
C GLY A 121 -3.36 -21.28 -25.51
N SER A 122 -3.96 -20.09 -25.40
CA SER A 122 -3.97 -19.04 -26.45
C SER A 122 -2.56 -18.46 -26.59
N ASN A 123 -2.32 -17.70 -27.65
CA ASN A 123 -1.00 -17.07 -27.89
CA ASN A 123 -0.98 -17.08 -27.89
C ASN A 123 -0.71 -16.06 -26.77
N GLU A 124 -1.73 -15.29 -26.37
CA GLU A 124 -1.60 -14.27 -25.28
C GLU A 124 -1.19 -14.98 -23.98
N TYR A 125 -1.83 -16.12 -23.70
CA TYR A 125 -1.52 -17.01 -22.54
C TYR A 125 -0.02 -17.37 -22.54
N TRP A 126 0.49 -17.81 -23.69
CA TRP A 126 1.92 -18.25 -23.78
C TRP A 126 2.84 -17.04 -23.73
N THR A 127 2.48 -15.90 -24.34
CA THR A 127 3.31 -14.68 -24.28
C THR A 127 3.48 -14.30 -22.80
N GLY A 128 2.36 -14.24 -22.10
CA GLY A 128 2.34 -13.93 -20.65
C GLY A 128 3.26 -14.86 -19.90
N PHE A 129 3.11 -16.16 -20.13
CA PHE A 129 3.89 -17.20 -19.43
C PHE A 129 5.38 -16.97 -19.68
N VAL A 130 5.78 -16.82 -20.95
CA VAL A 130 7.24 -16.76 -21.27
C VAL A 130 7.85 -15.51 -20.63
N ILE A 131 7.20 -14.34 -20.74
CA ILE A 131 7.77 -13.08 -20.22
C ILE A 131 7.84 -13.20 -18.68
N ALA A 132 6.77 -13.68 -18.05
CA ALA A 132 6.74 -13.81 -16.56
C ALA A 132 7.79 -14.84 -16.12
N MET A 133 7.88 -15.99 -16.79
CA MET A 133 8.87 -17.05 -16.44
C MET A 133 10.28 -16.51 -16.57
N ALA A 134 10.59 -15.80 -17.66
CA ALA A 134 11.93 -15.22 -17.86
C ALA A 134 12.26 -14.27 -16.72
N THR A 135 11.33 -13.41 -16.32
CA THR A 135 11.55 -12.43 -15.24
CA THR A 135 11.57 -12.42 -15.23
C THR A 135 11.71 -13.16 -13.90
N TYR A 136 10.94 -14.23 -13.71
CA TYR A 136 11.03 -15.06 -12.47
C TYR A 136 12.44 -15.61 -12.34
N VAL A 137 12.94 -16.18 -13.44
CA VAL A 137 14.29 -16.84 -13.43
C VAL A 137 15.31 -15.74 -13.16
N TRP A 138 15.17 -14.59 -13.81
CA TRP A 138 16.09 -13.45 -13.62
C TRP A 138 16.10 -13.06 -12.14
N LEU A 139 14.93 -12.99 -11.51
CA LEU A 139 14.84 -12.62 -10.08
C LEU A 139 15.48 -13.72 -9.21
N MET A 140 15.24 -14.99 -9.52
CA MET A 140 15.76 -16.10 -8.67
C MET A 140 17.29 -16.09 -8.79
N ARG A 141 17.82 -15.75 -9.97
CA ARG A 141 19.30 -15.68 -10.16
C ARG A 141 19.87 -14.52 -9.36
N ASN A 142 19.18 -13.37 -9.36
CA ASN A 142 19.59 -12.19 -8.56
CA ASN A 142 19.64 -12.20 -8.56
C ASN A 142 19.62 -12.58 -7.07
N LEU A 143 18.61 -13.33 -6.63
CA LEU A 143 18.50 -13.74 -5.21
CA LEU A 143 18.50 -13.75 -5.20
C LEU A 143 19.68 -14.66 -4.85
N GLN A 144 20.01 -15.60 -5.72
CA GLN A 144 21.15 -16.54 -5.54
C GLN A 144 22.43 -15.70 -5.38
N ALA A 145 22.61 -14.68 -6.23
CA ALA A 145 23.83 -13.85 -6.24
C ALA A 145 23.92 -12.98 -4.98
N GLU A 146 22.78 -12.62 -4.40
CA GLU A 146 22.70 -11.70 -3.24
C GLU A 146 23.41 -12.33 -2.03
N GLY A 147 23.52 -13.66 -2.01
CA GLY A 147 24.09 -14.40 -0.86
C GLY A 147 25.60 -14.45 -0.92
N GLU A 148 26.17 -14.22 -2.11
CA GLU A 148 27.62 -14.41 -2.36
C GLU A 148 28.41 -13.51 -1.42
N GLY A 149 29.33 -14.08 -0.65
CA GLY A 149 30.26 -13.33 0.21
C GLY A 149 29.76 -13.20 1.63
N LEU A 150 28.49 -13.57 1.91
CA LEU A 150 27.98 -13.58 3.29
C LEU A 150 28.76 -14.64 4.08
N LYS A 151 28.85 -14.45 5.40
CA LYS A 151 29.62 -15.34 6.30
C LYS A 151 28.79 -15.71 7.53
N GLY A 152 29.19 -16.82 8.17
CA GLY A 152 28.69 -17.24 9.49
C GLY A 152 27.17 -17.25 9.54
N ASP A 153 26.61 -16.71 10.61
CA ASP A 153 25.15 -16.79 10.92
C ASP A 153 24.36 -16.04 9.85
N GLN A 154 24.90 -14.95 9.29
CA GLN A 154 24.15 -14.20 8.23
C GLN A 154 24.05 -15.07 6.96
N ALA A 155 25.08 -15.82 6.59
CA ALA A 155 25.03 -16.69 5.41
C ALA A 155 23.94 -17.75 5.62
N VAL A 156 23.85 -18.31 6.83
CA VAL A 156 22.85 -19.37 7.15
C VAL A 156 21.44 -18.74 7.12
N ALA A 157 21.27 -17.58 7.74
CA ALA A 157 19.96 -16.88 7.81
C ALA A 157 19.53 -16.52 6.39
N PHE A 158 20.44 -16.03 5.55
CA PHE A 158 20.10 -15.68 4.15
C PHE A 158 19.75 -16.94 3.36
N GLU A 159 20.47 -18.05 3.57
CA GLU A 159 20.18 -19.30 2.84
C GLU A 159 18.69 -19.64 3.03
N ASN A 160 18.21 -19.52 4.27
CA ASN A 160 16.81 -19.88 4.59
C ASN A 160 15.87 -18.93 3.83
N ILE A 161 16.13 -17.63 3.84
CA ILE A 161 15.28 -16.65 3.10
C ILE A 161 15.27 -17.05 1.62
N LYS A 162 16.44 -17.25 1.04
CA LYS A 162 16.57 -17.55 -0.40
C LYS A 162 15.82 -18.83 -0.74
N ASN A 163 15.98 -19.87 0.07
CA ASN A 163 15.40 -21.18 -0.25
C ASN A 163 13.90 -21.19 -0.01
N LEU A 164 13.39 -20.39 0.92
CA LEU A 164 11.90 -20.30 1.04
C LEU A 164 11.37 -19.77 -0.28
N ILE A 165 11.98 -18.74 -0.83
CA ILE A 165 11.46 -18.17 -2.11
C ILE A 165 11.70 -19.19 -3.25
N LEU A 166 12.89 -19.75 -3.36
CA LEU A 166 13.24 -20.64 -4.49
CA LEU A 166 13.25 -20.64 -4.49
C LEU A 166 12.29 -21.84 -4.53
N VAL A 167 12.03 -22.47 -3.38
CA VAL A 167 11.18 -23.68 -3.33
C VAL A 167 9.72 -23.23 -3.25
N GLY A 168 9.43 -22.24 -2.41
CA GLY A 168 8.02 -21.89 -2.07
C GLY A 168 7.28 -21.21 -3.21
N TRP A 169 7.98 -20.54 -4.12
CA TRP A 169 7.30 -19.80 -5.21
C TRP A 169 7.10 -20.68 -6.47
N ILE A 170 7.65 -21.90 -6.52
CA ILE A 170 7.51 -22.76 -7.75
C ILE A 170 6.02 -23.02 -8.01
N ILE A 171 5.21 -23.12 -6.96
CA ILE A 171 3.77 -23.48 -7.12
C ILE A 171 3.07 -22.46 -8.02
N TYR A 172 3.49 -21.19 -8.03
CA TYR A 172 2.74 -20.14 -8.75
C TYR A 172 2.81 -20.41 -10.25
N PRO A 173 4.00 -20.48 -10.88
CA PRO A 173 4.02 -20.80 -12.31
C PRO A 173 3.48 -22.19 -12.63
N LEU A 174 3.65 -23.16 -11.73
CA LEU A 174 3.09 -24.52 -11.90
CA LEU A 174 3.09 -24.53 -11.92
C LEU A 174 1.56 -24.43 -12.02
N GLY A 175 0.94 -23.70 -11.11
CA GLY A 175 -0.52 -23.48 -11.11
C GLY A 175 -0.97 -22.83 -12.41
N TYR A 176 -0.16 -21.94 -12.99
CA TYR A 176 -0.53 -21.18 -14.20
C TYR A 176 -0.63 -22.14 -15.39
N ILE A 177 0.29 -23.11 -15.45
CA ILE A 177 0.37 -24.03 -16.63
CA ILE A 177 0.43 -24.08 -16.59
C ILE A 177 -0.64 -25.16 -16.46
N ALA A 178 -1.03 -25.47 -15.22
CA ALA A 178 -1.92 -26.60 -14.88
C ALA A 178 -3.13 -26.66 -15.82
N PRO A 179 -3.85 -25.54 -16.06
CA PRO A 179 -5.09 -25.59 -16.84
C PRO A 179 -4.92 -26.04 -18.30
N VAL A 180 -3.71 -26.00 -18.87
CA VAL A 180 -3.46 -26.45 -20.27
C VAL A 180 -3.23 -27.96 -20.26
N VAL A 181 -2.95 -28.53 -19.08
CA VAL A 181 -2.69 -29.99 -18.88
C VAL A 181 -4.02 -30.68 -18.54
N GLY A 182 -4.99 -29.94 -17.99
CA GLY A 182 -6.32 -30.46 -17.64
C GLY A 182 -7.15 -29.44 -16.89
N ASP A 183 -8.12 -29.90 -16.09
CA ASP A 183 -9.00 -29.05 -15.25
C ASP A 183 -8.45 -29.03 -13.81
N PHE A 184 -7.78 -27.95 -13.41
CA PHE A 184 -7.11 -27.81 -12.10
C PHE A 184 -7.47 -26.47 -11.45
N ASP A 185 -8.58 -25.85 -11.84
CA ASP A 185 -8.97 -24.47 -11.43
C ASP A 185 -9.24 -24.45 -9.92
N ALA A 186 -10.08 -25.36 -9.42
CA ALA A 186 -10.51 -25.42 -8.00
C ALA A 186 -9.30 -25.72 -7.10
N ILE A 187 -8.44 -26.66 -7.51
CA ILE A 187 -7.26 -27.06 -6.68
C ILE A 187 -6.25 -25.91 -6.71
N ARG A 188 -6.14 -25.20 -7.82
CA ARG A 188 -5.13 -24.11 -7.96
C ARG A 188 -5.45 -23.03 -6.92
N GLU A 189 -6.72 -22.64 -6.77
CA GLU A 189 -7.15 -21.61 -5.81
CA GLU A 189 -7.11 -21.59 -5.81
C GLU A 189 -6.75 -22.05 -4.39
N VAL A 190 -6.97 -23.33 -4.08
CA VAL A 190 -6.69 -23.89 -2.74
C VAL A 190 -5.17 -23.84 -2.49
N LEU A 191 -4.38 -24.29 -3.46
CA LEU A 191 -2.91 -24.41 -3.29
C LEU A 191 -2.29 -23.01 -3.23
N TYR A 192 -2.75 -22.08 -4.06
CA TYR A 192 -2.26 -20.68 -4.03
C TYR A 192 -2.52 -20.06 -2.65
N THR A 193 -3.66 -20.34 -2.05
CA THR A 193 -4.04 -19.75 -0.74
C THR A 193 -3.09 -20.28 0.32
N ILE A 194 -2.87 -21.60 0.37
CA ILE A 194 -1.94 -22.21 1.34
C ILE A 194 -0.55 -21.65 1.08
N ALA A 195 -0.11 -21.62 -0.18
CA ALA A 195 1.21 -21.08 -0.55
C ALA A 195 1.35 -19.64 -0.05
N ASP A 196 0.33 -18.81 -0.27
CA ASP A 196 0.44 -17.39 0.12
C ASP A 196 0.72 -17.28 1.62
N ILE A 197 -0.01 -18.03 2.43
CA ILE A 197 0.19 -17.94 3.91
C ILE A 197 1.62 -18.32 4.26
N ILE A 198 2.08 -19.47 3.75
CA ILE A 198 3.45 -19.96 4.07
C ILE A 198 4.48 -18.96 3.57
N ASN A 199 4.33 -18.49 2.35
CA ASN A 199 5.35 -17.65 1.72
C ASN A 199 5.41 -16.29 2.41
N LYS A 200 4.24 -15.69 2.70
CA LYS A 200 4.27 -14.32 3.21
C LYS A 200 4.62 -14.28 4.70
N VAL A 201 3.98 -15.15 5.50
CA VAL A 201 4.28 -15.16 6.92
C VAL A 201 5.66 -15.78 7.13
N GLY A 202 5.98 -16.85 6.40
CA GLY A 202 7.31 -17.50 6.53
C GLY A 202 8.42 -16.54 6.14
N LEU A 203 8.27 -15.79 5.03
CA LEU A 203 9.37 -14.89 4.64
C LEU A 203 9.52 -13.80 5.70
N GLY A 204 8.43 -13.27 6.25
CA GLY A 204 8.54 -12.23 7.28
C GLY A 204 9.29 -12.76 8.48
N VAL A 205 8.97 -13.98 8.90
CA VAL A 205 9.63 -14.60 10.09
C VAL A 205 11.11 -14.78 9.78
N LEU A 206 11.49 -15.17 8.56
CA LEU A 206 12.92 -15.42 8.25
C LEU A 206 13.63 -14.08 8.13
N VAL A 207 12.95 -13.04 7.63
CA VAL A 207 13.58 -11.68 7.54
C VAL A 207 13.80 -11.17 8.96
N LEU A 208 12.82 -11.37 9.84
CA LEU A 208 12.97 -11.06 11.30
C LEU A 208 14.19 -11.81 11.84
N GLN A 209 14.36 -13.10 11.51
CA GLN A 209 15.49 -13.91 12.03
C GLN A 209 16.80 -13.32 11.53
N MET A 210 16.87 -12.87 10.27
CA MET A 210 18.11 -12.26 9.74
CA MET A 210 18.12 -12.26 9.75
C MET A 210 18.38 -10.96 10.51
N ALA A 211 17.33 -10.19 10.80
CA ALA A 211 17.46 -8.88 11.49
C ALA A 211 17.93 -9.11 12.93
N ARG A 212 17.47 -10.19 13.58
CA ARG A 212 17.93 -10.61 14.93
C ARG A 212 19.43 -10.96 14.88
N VAL A 213 19.86 -11.78 13.92
CA VAL A 213 21.30 -12.13 13.73
C VAL A 213 22.10 -10.84 13.59
N GLN A 214 21.60 -9.90 12.77
CA GLN A 214 22.32 -8.64 12.44
C GLN A 214 22.39 -7.75 13.69
N SER A 215 21.43 -7.87 14.61
CA SER A 215 21.31 -7.04 15.84
C SER A 215 22.20 -7.60 16.95
N GLY A 216 22.87 -8.73 16.69
N GLY A 216 22.69 -8.84 16.76
CA GLY A 216 23.86 -9.34 17.60
CA GLY A 216 23.57 -9.56 17.70
C GLY A 216 23.30 -10.55 18.32
C GLY A 216 25.02 -9.47 17.26
N GLU A 217 22.05 -10.92 18.01
N GLU A 217 25.27 -8.64 16.24
CA GLU A 217 21.42 -12.17 18.49
CA GLU A 217 26.63 -8.36 15.68
C GLU A 217 22.02 -13.36 17.72
C GLU A 217 26.81 -6.85 15.56
N MET B 1 -25.98 15.22 -7.27
N MET B 1 -27.50 14.77 -9.85
CA MET B 1 -26.70 14.53 -8.38
CA MET B 1 -26.45 14.65 -8.81
C MET B 1 -25.92 13.28 -8.79
C MET B 1 -25.85 13.23 -8.82
N GLU B 2 -26.64 12.22 -9.18
CA GLU B 2 -26.12 10.83 -9.35
C GLU B 2 -25.12 10.78 -10.52
N GLU B 3 -25.49 11.33 -11.69
CA GLU B 3 -24.65 11.28 -12.91
C GLU B 3 -23.41 12.15 -12.70
N LEU B 4 -23.55 13.30 -12.05
CA LEU B 4 -22.41 14.21 -11.73
C LEU B 4 -21.37 13.42 -10.93
N THR B 5 -21.81 12.72 -9.89
CA THR B 5 -20.92 11.98 -8.96
C THR B 5 -20.11 10.95 -9.76
N TYR B 6 -20.76 10.19 -10.63
CA TYR B 6 -20.11 9.17 -11.47
C TYR B 6 -19.06 9.82 -12.37
N ARG B 7 -19.41 10.93 -13.04
CA ARG B 7 -18.47 11.67 -13.92
C ARG B 7 -17.26 12.16 -13.11
N LEU B 8 -17.50 12.71 -11.91
CA LEU B 8 -16.41 13.22 -11.04
C LEU B 8 -15.49 12.07 -10.63
N PHE B 9 -16.03 10.87 -10.35
CA PHE B 9 -15.18 9.71 -9.98
C PHE B 9 -14.19 9.44 -11.11
N MET B 10 -14.63 9.52 -12.36
CA MET B 10 -13.79 9.25 -13.55
CA MET B 10 -13.74 9.20 -13.50
C MET B 10 -12.77 10.36 -13.72
N VAL B 11 -13.19 11.61 -13.50
CA VAL B 11 -12.24 12.76 -13.56
C VAL B 11 -11.17 12.59 -12.46
N ALA B 12 -11.58 12.24 -11.25
CA ALA B 12 -10.63 11.99 -10.14
C ALA B 12 -9.65 10.87 -10.54
N THR B 13 -10.15 9.80 -11.16
CA THR B 13 -9.30 8.64 -11.51
C THR B 13 -8.17 9.15 -12.41
N VAL B 14 -8.52 9.93 -13.42
CA VAL B 14 -7.55 10.44 -14.41
C VAL B 14 -6.64 11.47 -13.73
N GLY B 15 -7.20 12.37 -12.93
CA GLY B 15 -6.41 13.36 -12.17
C GLY B 15 -5.38 12.70 -11.26
N MET B 16 -5.79 11.66 -10.52
CA MET B 16 -4.84 10.98 -9.61
C MET B 16 -3.71 10.32 -10.40
N LEU B 17 -4.02 9.69 -11.53
CA LEU B 17 -2.99 8.99 -12.33
C LEU B 17 -2.03 10.03 -12.92
N ALA B 18 -2.57 11.14 -13.40
CA ALA B 18 -1.76 12.26 -13.94
C ALA B 18 -0.82 12.76 -12.85
N GLY B 19 -1.32 12.90 -11.61
CA GLY B 19 -0.44 13.32 -10.51
C GLY B 19 0.63 12.30 -10.23
N THR B 20 0.26 11.02 -10.22
CA THR B 20 1.21 9.92 -9.96
C THR B 20 2.37 10.00 -10.97
N VAL B 21 2.04 10.06 -12.25
CA VAL B 21 3.09 10.03 -13.32
C VAL B 21 3.87 11.34 -13.32
N PHE B 22 3.22 12.48 -13.08
CA PHE B 22 3.91 13.80 -12.99
C PHE B 22 4.98 13.74 -11.89
N LEU B 23 4.61 13.28 -10.69
CA LEU B 23 5.51 13.25 -9.52
C LEU B 23 6.63 12.23 -9.75
N LEU B 24 6.33 11.05 -10.30
CA LEU B 24 7.40 10.03 -10.55
C LEU B 24 8.41 10.62 -11.55
N ALA B 25 7.93 11.16 -12.66
CA ALA B 25 8.77 11.75 -13.73
C ALA B 25 9.59 12.90 -13.15
N SER B 26 8.94 13.81 -12.42
CA SER B 26 9.58 15.02 -11.83
C SER B 26 10.61 14.64 -10.75
N SER B 27 10.54 13.42 -10.22
CA SER B 27 11.39 12.94 -9.10
C SER B 27 12.88 13.09 -9.46
N ARG B 28 13.23 12.94 -10.72
CA ARG B 28 14.65 12.96 -11.18
C ARG B 28 15.16 14.40 -11.25
N GLU B 29 14.28 15.40 -11.09
CA GLU B 29 14.63 16.84 -11.19
C GLU B 29 15.15 17.36 -9.84
N VAL B 30 15.04 16.57 -8.77
CA VAL B 30 15.59 16.94 -7.42
C VAL B 30 16.67 15.93 -7.03
N LYS B 31 17.52 16.31 -6.07
CA LYS B 31 18.67 15.50 -5.60
C LYS B 31 18.15 14.25 -4.89
N PRO B 32 18.90 13.12 -4.99
CA PRO B 32 18.49 11.86 -4.37
C PRO B 32 18.05 11.98 -2.91
N GLU B 33 18.74 12.79 -2.11
CA GLU B 33 18.51 12.91 -0.65
C GLU B 33 17.19 13.65 -0.38
N HIS B 34 16.52 14.17 -1.41
CA HIS B 34 15.25 14.92 -1.25
C HIS B 34 14.09 14.26 -2.01
N ARG B 35 14.29 13.06 -2.55
CA ARG B 35 13.28 12.43 -3.44
C ARG B 35 12.21 11.69 -2.64
N ARG B 36 12.49 11.32 -1.39
CA ARG B 36 11.62 10.43 -0.57
C ARG B 36 10.18 10.97 -0.55
N GLY B 37 10.00 12.23 -0.15
CA GLY B 37 8.66 12.84 -0.06
C GLY B 37 7.97 12.83 -1.41
N VAL B 38 8.70 13.01 -2.51
CA VAL B 38 8.10 13.01 -3.87
C VAL B 38 7.61 11.59 -4.19
N TYR B 39 8.42 10.57 -3.90
CA TYR B 39 8.01 9.16 -4.13
C TYR B 39 6.75 8.85 -3.32
N ILE B 40 6.73 9.23 -2.05
CA ILE B 40 5.55 8.95 -1.18
C ILE B 40 4.35 9.70 -1.75
N SER B 41 4.54 10.93 -2.20
CA SER B 41 3.45 11.73 -2.81
CA SER B 41 3.42 11.73 -2.79
C SER B 41 2.84 11.00 -4.00
N ALA B 42 3.69 10.41 -4.85
CA ALA B 42 3.24 9.65 -6.05
C ALA B 42 2.47 8.41 -5.61
N LEU B 43 2.94 7.74 -4.56
CA LEU B 43 2.25 6.54 -4.02
C LEU B 43 0.85 6.94 -3.54
N VAL B 44 0.73 8.05 -2.81
CA VAL B 44 -0.60 8.54 -2.34
C VAL B 44 -1.52 8.68 -3.55
N CYS B 45 -1.07 9.35 -4.62
CA CYS B 45 -1.91 9.58 -5.80
C CYS B 45 -2.24 8.23 -6.47
N GLY B 46 -1.30 7.31 -6.49
CA GLY B 46 -1.52 6.00 -7.13
C GLY B 46 -2.52 5.14 -6.36
N ILE B 47 -2.45 5.15 -5.05
CA ILE B 47 -3.49 4.46 -4.22
C ILE B 47 -4.86 5.08 -4.51
N ALA B 48 -4.97 6.41 -4.54
CA ALA B 48 -6.26 7.08 -4.79
C ALA B 48 -6.75 6.77 -6.20
N TRP B 49 -5.84 6.71 -7.18
CA TRP B 49 -6.17 6.31 -8.57
C TRP B 49 -6.90 4.97 -8.53
N TYR B 50 -6.29 4.00 -7.88
CA TYR B 50 -6.87 2.64 -7.79
C TYR B 50 -8.24 2.72 -7.12
N HIS B 51 -8.35 3.43 -5.98
CA HIS B 51 -9.62 3.47 -5.22
C HIS B 51 -10.71 4.19 -6.01
N TYR B 52 -10.38 5.27 -6.74
CA TYR B 52 -11.39 6.02 -7.50
C TYR B 52 -11.90 5.19 -8.66
N GLN B 53 -11.06 4.30 -9.22
CA GLN B 53 -11.54 3.30 -10.21
C GLN B 53 -12.59 2.42 -9.53
N LYS B 54 -12.29 1.94 -8.31
CA LYS B 54 -13.19 1.06 -7.52
CA LYS B 54 -13.21 1.05 -7.55
C LYS B 54 -14.47 1.82 -7.15
N MET B 55 -14.32 3.08 -6.74
CA MET B 55 -15.49 3.90 -6.32
C MET B 55 -16.39 4.14 -7.54
N GLY B 56 -15.79 4.45 -8.69
CA GLY B 56 -16.54 4.62 -9.96
C GLY B 56 -17.38 3.39 -10.25
N ALA B 57 -16.75 2.22 -10.28
CA ALA B 57 -17.40 0.92 -10.57
C ALA B 57 -18.46 0.62 -9.51
N SER B 58 -18.16 0.87 -8.23
CA SER B 58 -19.10 0.66 -7.11
C SER B 58 -20.32 1.55 -7.33
N TRP B 59 -20.09 2.82 -7.66
CA TRP B 59 -21.17 3.82 -7.86
C TRP B 59 -22.07 3.39 -9.02
N GLU B 60 -21.47 3.03 -10.15
CA GLU B 60 -22.17 2.57 -11.39
C GLU B 60 -22.94 1.29 -11.07
N SER B 61 -22.30 0.37 -10.35
CA SER B 61 -22.79 -1.01 -10.08
C SER B 61 -23.64 -1.01 -8.79
N GLY B 62 -24.87 -0.49 -8.91
CA GLY B 62 -25.93 -0.61 -7.90
C GLY B 62 -25.55 -0.03 -6.55
N SER B 63 -25.23 -0.90 -5.58
CA SER B 63 -24.98 -0.55 -4.17
C SER B 63 -23.58 0.06 -4.02
N TYR B 64 -23.50 1.39 -3.93
CA TYR B 64 -22.24 2.13 -3.67
C TYR B 64 -21.71 1.76 -2.28
N ASP B 65 -20.45 1.29 -2.23
CA ASP B 65 -19.72 0.91 -0.99
C ASP B 65 -19.06 2.16 -0.39
N THR B 66 -19.65 2.73 0.65
CA THR B 66 -19.20 3.99 1.32
C THR B 66 -17.95 3.72 2.18
N GLY B 67 -17.59 2.45 2.36
CA GLY B 67 -16.36 2.04 3.05
C GLY B 67 -15.12 2.20 2.18
N LEU B 68 -15.26 2.25 0.84
CA LEU B 68 -14.08 2.32 -0.05
C LEU B 68 -13.33 3.63 0.22
N ARG B 69 -14.08 4.72 0.42
CA ARG B 69 -13.49 6.05 0.76
CA ARG B 69 -13.50 6.05 0.76
C ARG B 69 -12.63 5.93 2.02
N TYR B 70 -13.11 5.24 3.06
CA TYR B 70 -12.39 5.15 4.34
C TYR B 70 -11.19 4.23 4.21
N VAL B 71 -11.25 3.17 3.38
CA VAL B 71 -10.03 2.36 3.08
C VAL B 71 -9.00 3.30 2.45
N ASP B 72 -9.42 4.15 1.53
CA ASP B 72 -8.49 5.08 0.83
C ASP B 72 -7.90 6.06 1.85
N TRP B 73 -8.73 6.63 2.72
CA TRP B 73 -8.28 7.64 3.71
C TRP B 73 -7.31 7.02 4.70
N VAL B 74 -7.61 5.81 5.19
CA VAL B 74 -6.78 5.24 6.29
C VAL B 74 -5.37 4.95 5.77
N LEU B 75 -5.21 4.69 4.46
CA LEU B 75 -3.88 4.48 3.88
C LEU B 75 -3.24 5.82 3.54
N THR B 76 -3.98 6.69 2.86
CA THR B 76 -3.40 7.91 2.23
C THR B 76 -3.18 9.02 3.26
N VAL B 77 -4.07 9.18 4.24
CA VAL B 77 -3.97 10.33 5.18
C VAL B 77 -2.69 10.19 6.01
N PRO B 78 -2.38 9.03 6.63
CA PRO B 78 -1.09 8.90 7.28
C PRO B 78 0.09 9.14 6.35
N LEU B 79 0.03 8.61 5.13
CA LEU B 79 1.12 8.76 4.13
C LEU B 79 1.28 10.26 3.79
N MET B 80 0.21 11.04 3.80
CA MET B 80 0.33 12.48 3.46
C MET B 80 1.11 13.23 4.55
N PHE B 81 0.90 12.89 5.82
CA PHE B 81 1.75 13.44 6.89
C PHE B 81 3.20 13.00 6.66
N VAL B 82 3.39 11.75 6.27
CA VAL B 82 4.75 11.19 6.06
C VAL B 82 5.46 11.94 4.93
N GLU B 83 4.78 12.25 3.83
CA GLU B 83 5.45 12.93 2.68
C GLU B 83 5.85 14.34 3.10
N VAL B 84 5.11 14.98 4.02
CA VAL B 84 5.50 16.30 4.61
C VAL B 84 6.72 16.12 5.52
N LEU B 85 6.67 15.14 6.42
CA LEU B 85 7.80 14.84 7.34
C LEU B 85 9.06 14.51 6.54
N ALA B 86 8.93 13.89 5.37
CA ALA B 86 10.06 13.47 4.51
C ALA B 86 10.81 14.69 3.97
N VAL B 87 10.19 15.88 3.95
CA VAL B 87 10.87 17.14 3.53
C VAL B 87 11.11 18.09 4.71
N THR B 88 10.69 17.76 5.93
CA THR B 88 10.98 18.63 7.12
C THR B 88 11.97 17.91 8.04
N ARG B 89 12.12 16.59 7.93
CA ARG B 89 12.94 15.78 8.87
C ARG B 89 13.76 14.70 8.14
N LYS B 90 14.74 14.16 8.87
CA LYS B 90 15.58 13.00 8.48
C LYS B 90 15.98 12.25 9.75
N GLY B 91 16.50 11.03 9.59
CA GLY B 91 17.04 10.22 10.70
C GLY B 91 15.97 9.84 11.72
N ALA B 92 16.36 9.73 12.99
CA ALA B 92 15.49 9.26 14.09
C ALA B 92 14.27 10.18 14.23
N ALA B 93 14.48 11.50 14.09
CA ALA B 93 13.45 12.55 14.22
C ALA B 93 12.32 12.31 13.22
N TYR B 94 12.67 11.97 11.98
CA TYR B 94 11.72 11.55 10.91
C TYR B 94 10.98 10.27 11.34
N ASN B 95 11.71 9.22 11.68
CA ASN B 95 11.13 7.89 12.04
C ASN B 95 10.15 8.05 13.19
N GLU B 96 10.49 8.88 14.17
CA GLU B 96 9.70 9.13 15.39
C GLU B 96 8.37 9.76 15.00
N ALA B 97 8.42 10.83 14.20
CA ALA B 97 7.22 11.57 13.76
C ALA B 97 6.37 10.68 12.85
N VAL B 98 6.99 9.86 12.00
CA VAL B 98 6.27 8.93 11.09
C VAL B 98 5.38 8.04 11.95
N ARG B 99 5.95 7.45 13.00
CA ARG B 99 5.22 6.56 13.94
C ARG B 99 4.09 7.34 14.62
N ASN B 100 4.44 8.45 15.28
CA ASN B 100 3.53 9.23 16.15
C ASN B 100 2.42 9.89 15.32
N TRP B 101 2.77 10.65 14.28
CA TRP B 101 1.76 11.34 13.43
C TRP B 101 0.95 10.30 12.66
N GLY B 102 1.62 9.23 12.19
CA GLY B 102 0.96 8.17 11.40
C GLY B 102 -0.10 7.46 12.22
N ILE B 103 0.20 7.13 13.49
CA ILE B 103 -0.79 6.48 14.39
C ILE B 103 -1.95 7.46 14.66
N ALA B 104 -1.67 8.73 14.99
CA ALA B 104 -2.71 9.75 15.23
C ALA B 104 -3.62 9.84 13.99
N ALA B 105 -3.03 9.92 12.80
CA ALA B 105 -3.81 10.01 11.55
C ALA B 105 -4.71 8.77 11.38
N THR B 106 -4.17 7.59 11.67
CA THR B 106 -4.94 6.32 11.59
C THR B 106 -6.09 6.37 12.59
N VAL B 107 -5.83 6.82 13.80
CA VAL B 107 -6.89 6.92 14.85
C VAL B 107 -7.96 7.90 14.39
N MET B 108 -7.57 9.05 13.83
CA MET B 108 -8.54 10.04 13.30
C MET B 108 -9.49 9.34 12.31
N ILE B 109 -8.95 8.67 11.29
CA ILE B 109 -9.80 8.06 10.24
C ILE B 109 -10.62 6.92 10.85
N GLY B 110 -10.02 6.13 11.73
CA GLY B 110 -10.72 5.01 12.40
C GLY B 110 -11.89 5.51 13.23
N ALA B 111 -11.67 6.56 14.03
CA ALA B 111 -12.75 7.21 14.81
C ALA B 111 -13.85 7.71 13.87
N GLY B 112 -13.48 8.31 12.74
CA GLY B 112 -14.46 8.78 11.77
C GLY B 112 -15.29 7.62 11.25
N TYR B 113 -14.63 6.50 10.96
CA TYR B 113 -15.29 5.32 10.36
C TYR B 113 -16.29 4.76 11.39
N TYR B 114 -15.84 4.66 12.63
CA TYR B 114 -16.71 4.27 13.78
C TYR B 114 -17.96 5.14 13.81
N GLY B 115 -17.83 6.46 13.69
CA GLY B 115 -18.97 7.39 13.71
C GLY B 115 -19.80 7.29 12.46
N GLU B 116 -19.16 7.18 11.30
CA GLU B 116 -19.83 7.17 9.98
C GLU B 116 -20.76 5.95 9.89
N THR B 117 -20.37 4.83 10.49
CA THR B 117 -21.06 3.52 10.34
C THR B 117 -22.16 3.36 11.38
N SER B 118 -22.50 4.44 12.09
CA SER B 118 -23.64 4.46 13.03
CA SER B 118 -23.62 4.49 13.07
C SER B 118 -24.72 5.40 12.51
N ALA B 119 -25.86 5.48 13.21
CA ALA B 119 -26.95 6.41 12.87
C ALA B 119 -26.43 7.84 13.06
N ALA B 120 -26.68 8.70 12.08
CA ALA B 120 -26.35 10.14 12.09
C ALA B 120 -26.98 10.77 13.33
N GLY B 121 -26.22 11.54 14.09
CA GLY B 121 -26.69 12.22 15.30
C GLY B 121 -26.74 11.27 16.49
N SER B 122 -26.35 10.01 16.30
CA SER B 122 -26.33 8.99 17.37
C SER B 122 -25.16 9.26 18.31
N ASN B 123 -25.15 8.55 19.45
CA ASN B 123 -24.04 8.59 20.43
CA ASN B 123 -24.04 8.55 20.43
C ASN B 123 -22.72 8.22 19.71
N GLU B 124 -22.70 7.10 18.98
CA GLU B 124 -21.51 6.58 18.27
C GLU B 124 -20.99 7.66 17.30
N TYR B 125 -21.91 8.28 16.58
CA TYR B 125 -21.65 9.33 15.56
C TYR B 125 -20.90 10.49 16.23
N TRP B 126 -21.38 10.92 17.39
CA TRP B 126 -20.75 12.07 18.09
C TRP B 126 -19.43 11.66 18.75
N THR B 127 -19.32 10.42 19.24
CA THR B 127 -18.06 9.93 19.83
C THR B 127 -17.00 9.94 18.73
N GLY B 128 -17.34 9.37 17.58
CA GLY B 128 -16.43 9.34 16.40
C GLY B 128 -15.97 10.73 16.06
N PHE B 129 -16.93 11.65 15.94
CA PHE B 129 -16.64 13.04 15.55
C PHE B 129 -15.68 13.68 16.56
N VAL B 130 -15.97 13.58 17.86
CA VAL B 130 -15.15 14.32 18.85
C VAL B 130 -13.73 13.73 18.85
N ILE B 131 -13.55 12.42 18.84
CA ILE B 131 -12.20 11.79 18.91
C ILE B 131 -11.44 12.16 17.62
N ALA B 132 -12.11 12.10 16.49
CA ALA B 132 -11.46 12.42 15.19
C ALA B 132 -11.12 13.92 15.14
N MET B 133 -12.04 14.78 15.56
CA MET B 133 -11.82 16.26 15.57
C MET B 133 -10.67 16.63 16.50
N ALA B 134 -10.58 16.02 17.70
CA ALA B 134 -9.46 16.29 18.64
C ALA B 134 -8.12 15.87 18.00
N THR B 135 -8.08 14.73 17.31
CA THR B 135 -6.85 14.23 16.67
CA THR B 135 -6.83 14.23 16.67
C THR B 135 -6.48 15.14 15.48
N TYR B 136 -7.49 15.60 14.76
CA TYR B 136 -7.31 16.54 13.61
C TYR B 136 -6.65 17.82 14.12
N VAL B 137 -7.18 18.37 15.22
CA VAL B 137 -6.63 19.64 15.77
C VAL B 137 -5.19 19.38 16.23
N TRP B 138 -4.96 18.25 16.89
CA TRP B 138 -3.61 17.86 17.38
C TRP B 138 -2.64 17.83 16.19
N LEU B 139 -3.01 17.18 15.09
CA LEU B 139 -2.17 17.10 13.88
C LEU B 139 -1.94 18.49 13.28
N MET B 140 -2.96 19.33 13.17
CA MET B 140 -2.79 20.67 12.56
CA MET B 140 -2.82 20.69 12.58
C MET B 140 -1.86 21.50 13.45
N ARG B 141 -1.92 21.32 14.77
CA ARG B 141 -0.99 22.00 15.69
C ARG B 141 0.44 21.50 15.47
N ASN B 142 0.63 20.19 15.30
CA ASN B 142 1.96 19.61 15.00
CA ASN B 142 1.96 19.61 15.00
C ASN B 142 2.48 20.24 13.71
N LEU B 143 1.61 20.36 12.71
CA LEU B 143 2.01 20.88 11.39
CA LEU B 143 2.00 20.90 11.37
C LEU B 143 2.47 22.34 11.51
N GLN B 144 1.72 23.15 12.24
CA GLN B 144 2.03 24.59 12.50
C GLN B 144 3.41 24.69 13.15
N ALA B 145 3.69 23.84 14.13
CA ALA B 145 4.98 23.87 14.88
C ALA B 145 6.15 23.42 13.99
N GLU B 146 5.88 22.59 12.98
CA GLU B 146 6.94 22.00 12.12
C GLU B 146 7.68 23.10 11.34
N GLY B 147 7.03 24.25 11.14
CA GLY B 147 7.57 25.36 10.34
C GLY B 147 8.53 26.23 11.14
N GLU B 148 8.48 26.14 12.48
CA GLU B 148 9.29 26.99 13.39
C GLU B 148 10.78 26.78 13.06
N GLY B 149 11.52 27.87 12.85
CA GLY B 149 12.97 27.84 12.59
C GLY B 149 13.31 27.83 11.12
N LEU B 150 12.37 27.46 10.22
CA LEU B 150 12.66 27.50 8.76
C LEU B 150 12.90 28.96 8.36
N LYS B 151 13.75 29.16 7.35
CA LYS B 151 14.11 30.50 6.85
C LYS B 151 13.92 30.57 5.34
N GLY B 152 13.79 31.79 4.81
CA GLY B 152 13.81 32.12 3.38
C GLY B 152 12.92 31.20 2.56
N ASP B 153 13.46 30.66 1.48
CA ASP B 153 12.69 29.90 0.45
C ASP B 153 12.06 28.67 1.10
N GLN B 154 12.71 27.99 2.05
CA GLN B 154 12.09 26.80 2.68
CA GLN B 154 12.11 26.80 2.72
C GLN B 154 10.92 27.24 3.58
N ALA B 155 11.01 28.40 4.23
CA ALA B 155 9.93 28.87 5.11
C ALA B 155 8.70 29.12 4.22
N VAL B 156 8.91 29.72 3.05
CA VAL B 156 7.79 30.04 2.12
C VAL B 156 7.22 28.73 1.57
N ALA B 157 8.06 27.80 1.14
CA ALA B 157 7.61 26.53 0.53
C ALA B 157 6.82 25.73 1.58
N PHE B 158 7.26 25.73 2.83
CA PHE B 158 6.55 24.99 3.91
C PHE B 158 5.24 25.69 4.23
N GLU B 159 5.22 27.02 4.24
CA GLU B 159 3.96 27.77 4.49
C GLU B 159 2.91 27.23 3.52
N ASN B 160 3.27 27.06 2.23
CA ASN B 160 2.29 26.61 1.21
C ASN B 160 1.83 25.18 1.53
N ILE B 161 2.76 24.30 1.89
CA ILE B 161 2.39 22.91 2.28
C ILE B 161 1.40 22.96 3.44
N LYS B 162 1.76 23.66 4.51
CA LYS B 162 0.97 23.74 5.75
C LYS B 162 -0.43 24.29 5.44
N ASN B 163 -0.49 25.36 4.65
CA ASN B 163 -1.79 26.05 4.43
C ASN B 163 -2.66 25.25 3.48
N LEU B 164 -2.11 24.50 2.54
CA LEU B 164 -2.97 23.60 1.72
C LEU B 164 -3.67 22.62 2.64
N ILE B 165 -2.96 22.03 3.59
CA ILE B 165 -3.61 21.08 4.53
C ILE B 165 -4.57 21.84 5.46
N LEU B 166 -4.15 22.96 6.04
CA LEU B 166 -4.98 23.68 7.04
CA LEU B 166 -4.98 23.67 7.03
C LEU B 166 -6.30 24.10 6.40
N VAL B 167 -6.26 24.64 5.17
CA VAL B 167 -7.48 25.15 4.49
C VAL B 167 -8.16 24.00 3.77
N GLY B 168 -7.40 23.16 3.07
CA GLY B 168 -7.93 22.14 2.15
C GLY B 168 -8.60 20.98 2.87
N TRP B 169 -8.25 20.71 4.11
CA TRP B 169 -8.82 19.53 4.80
C TRP B 169 -10.05 19.89 5.64
N ILE B 170 -10.41 21.17 5.76
CA ILE B 170 -11.61 21.58 6.56
C ILE B 170 -12.88 20.92 6.00
N ILE B 171 -12.97 20.75 4.68
CA ILE B 171 -14.19 20.19 4.04
C ILE B 171 -14.51 18.80 4.61
N TYR B 172 -13.51 18.03 5.02
CA TYR B 172 -13.75 16.63 5.46
C TYR B 172 -14.63 16.64 6.72
N PRO B 173 -14.21 17.24 7.86
CA PRO B 173 -15.09 17.27 9.03
C PRO B 173 -16.39 18.02 8.76
N LEU B 174 -16.37 19.05 7.92
CA LEU B 174 -17.61 19.81 7.58
C LEU B 174 -18.61 18.84 6.93
N GLY B 175 -18.15 18.07 5.94
CA GLY B 175 -18.98 17.06 5.26
C GLY B 175 -19.57 16.05 6.22
N TYR B 176 -18.81 15.67 7.24
CA TYR B 176 -19.22 14.66 8.25
C TYR B 176 -20.42 15.22 9.03
N ILE B 177 -20.36 16.49 9.40
CA ILE B 177 -21.36 17.15 10.29
C ILE B 177 -22.63 17.46 9.49
N ALA B 178 -22.47 17.76 8.20
CA ALA B 178 -23.54 18.30 7.33
C ALA B 178 -24.82 17.47 7.45
N PRO B 179 -24.76 16.12 7.39
CA PRO B 179 -25.97 15.31 7.40
C PRO B 179 -26.88 15.60 8.62
N VAL B 180 -26.31 16.08 9.72
CA VAL B 180 -27.07 16.40 10.97
C VAL B 180 -27.81 17.72 10.77
N VAL B 181 -27.33 18.60 9.89
CA VAL B 181 -27.94 19.94 9.62
C VAL B 181 -29.03 19.80 8.57
N GLY B 182 -28.96 18.76 7.72
CA GLY B 182 -29.95 18.53 6.64
C GLY B 182 -29.55 17.35 5.77
N ASP B 183 -30.11 17.28 4.55
CA ASP B 183 -29.78 16.24 3.54
C ASP B 183 -28.68 16.77 2.61
N PHE B 184 -27.45 16.29 2.77
CA PHE B 184 -26.25 16.80 2.07
C PHE B 184 -25.39 15.64 1.54
N ASP B 185 -25.97 14.44 1.40
CA ASP B 185 -25.22 13.20 1.08
C ASP B 185 -24.64 13.25 -0.35
N ALA B 186 -25.47 13.55 -1.34
CA ALA B 186 -25.10 13.60 -2.78
C ALA B 186 -23.98 14.63 -2.96
N ILE B 187 -24.16 15.82 -2.39
CA ILE B 187 -23.21 16.96 -2.52
C ILE B 187 -21.92 16.59 -1.77
N ARG B 188 -22.03 15.88 -0.65
CA ARG B 188 -20.84 15.50 0.15
C ARG B 188 -19.91 14.62 -0.68
N GLU B 189 -20.44 13.67 -1.46
CA GLU B 189 -19.61 12.80 -2.34
C GLU B 189 -18.90 13.66 -3.39
N VAL B 190 -19.60 14.61 -3.99
CA VAL B 190 -19.04 15.49 -5.05
C VAL B 190 -17.90 16.32 -4.44
N LEU B 191 -18.13 16.94 -3.29
CA LEU B 191 -17.17 17.88 -2.69
C LEU B 191 -15.94 17.10 -2.20
N TYR B 192 -16.15 15.94 -1.59
CA TYR B 192 -15.02 15.09 -1.12
C TYR B 192 -14.15 14.66 -2.31
N THR B 193 -14.76 14.36 -3.46
CA THR B 193 -14.02 13.90 -4.66
C THR B 193 -13.17 15.05 -5.19
N ILE B 194 -13.75 16.24 -5.34
CA ILE B 194 -13.00 17.43 -5.79
C ILE B 194 -11.88 17.71 -4.78
N ALA B 195 -12.20 17.67 -3.49
CA ALA B 195 -11.22 17.97 -2.43
C ALA B 195 -10.07 16.97 -2.51
N ASP B 196 -10.36 15.69 -2.68
CA ASP B 196 -9.30 14.65 -2.74
C ASP B 196 -8.32 14.96 -3.87
N ILE B 197 -8.82 15.32 -5.03
CA ILE B 197 -7.95 15.61 -6.21
C ILE B 197 -7.04 16.78 -5.83
N ILE B 198 -7.63 17.87 -5.33
CA ILE B 198 -6.84 19.09 -5.02
C ILE B 198 -5.84 18.76 -3.91
N ASN B 199 -6.30 18.10 -2.86
CA ASN B 199 -5.45 17.87 -1.69
C ASN B 199 -4.29 16.93 -2.02
N LYS B 200 -4.57 15.83 -2.77
CA LYS B 200 -3.54 14.83 -2.99
C LYS B 200 -2.54 15.23 -4.07
N VAL B 201 -3.07 15.72 -5.19
CA VAL B 201 -2.17 16.15 -6.27
C VAL B 201 -1.49 17.47 -5.84
N GLY B 202 -2.25 18.39 -5.25
CA GLY B 202 -1.69 19.68 -4.78
C GLY B 202 -0.61 19.46 -3.75
N LEU B 203 -0.81 18.59 -2.76
CA LEU B 203 0.22 18.42 -1.73
C LEU B 203 1.47 17.80 -2.39
N GLY B 204 1.31 16.84 -3.30
CA GLY B 204 2.47 16.22 -3.97
C GLY B 204 3.27 17.29 -4.70
N VAL B 205 2.59 18.19 -5.41
CA VAL B 205 3.27 19.28 -6.18
C VAL B 205 3.99 20.21 -5.20
N LEU B 206 3.41 20.52 -4.05
CA LEU B 206 4.05 21.44 -3.09
C LEU B 206 5.22 20.73 -2.40
N VAL B 207 5.11 19.43 -2.18
CA VAL B 207 6.24 18.67 -1.57
C VAL B 207 7.39 18.64 -2.57
N LEU B 208 7.09 18.43 -3.84
CA LEU B 208 8.09 18.49 -4.94
C LEU B 208 8.74 19.88 -4.92
N GLN B 209 7.96 20.94 -4.76
CA GLN B 209 8.50 22.34 -4.76
C GLN B 209 9.46 22.49 -3.58
N MET B 210 9.11 21.96 -2.41
CA MET B 210 9.99 22.03 -1.21
CA MET B 210 9.98 22.02 -1.21
C MET B 210 11.28 21.27 -1.52
N ALA B 211 11.17 20.11 -2.18
CA ALA B 211 12.32 19.24 -2.50
C ALA B 211 13.26 19.97 -3.47
N ARG B 212 12.69 20.68 -4.45
CA ARG B 212 13.43 21.51 -5.44
C ARG B 212 14.20 22.63 -4.71
N VAL B 213 13.57 23.35 -3.77
CA VAL B 213 14.25 24.39 -2.94
C VAL B 213 15.41 23.74 -2.18
N GLN B 214 15.15 22.61 -1.52
CA GLN B 214 16.17 21.92 -0.68
C GLN B 214 17.33 21.45 -1.56
N SER B 215 17.10 21.27 -2.86
CA SER B 215 18.12 20.83 -3.86
C SER B 215 18.82 22.03 -4.51
N GLY B 216 18.58 23.25 -4.00
CA GLY B 216 19.18 24.50 -4.49
C GLY B 216 18.57 24.96 -5.81
N GLU B 217 17.35 24.51 -6.10
CA GLU B 217 16.58 24.84 -7.33
C GLU B 217 15.88 26.19 -7.14
C1 LFA C . -4.20 -1.69 -11.14
C2 LFA C . -3.39 -1.69 -9.87
C3 LFA C . -1.95 -2.07 -10.06
C4 LFA C . -1.00 -0.89 -10.22
C5 LFA C . 0.46 -1.27 -10.36
C6 LFA C . 1.37 -0.59 -9.36
C7 LFA C . 2.71 -1.27 -9.14
C8 LFA C . 2.91 -1.81 -7.73
C9 LFA C . 4.27 -1.59 -7.15
C10 LFA C . 4.30 -1.42 -5.63
C1 LFA D . 1.49 -25.66 -0.97
C2 LFA D . 2.77 -25.12 -1.56
C3 LFA D . 3.65 -24.40 -0.56
C4 LFA D . 5.02 -25.00 -0.41
C5 LFA D . 5.97 -24.20 0.44
C6 LFA D . 7.40 -24.67 0.38
C7 LFA D . 7.98 -25.11 1.70
C8 LFA D . 8.84 -24.08 2.36
C9 LFA D . 10.31 -24.11 1.99
C10 LFA D . 11.23 -24.00 3.19
C11 LFA D . 12.61 -23.44 2.90
C12 LFA D . 13.28 -22.78 4.09
C13 LFA D . 13.09 -23.48 5.41
C14 LFA D . 13.50 -22.69 6.63
C15 LFA D . 13.16 -23.36 7.94
C16 LFA D . 13.67 -22.65 9.17
C1 LFA E . 4.97 -25.55 6.61
C2 LFA E . 5.82 -24.44 7.19
C3 LFA E . 7.09 -24.18 6.43
C4 LFA E . 7.32 -22.74 6.08
C5 LFA E . 8.72 -22.25 6.35
C6 LFA E . 8.78 -20.88 7.00
C7 LFA E . 9.97 -20.66 7.87
C8 LFA E . 9.72 -20.78 9.35
C9 LFA E . 10.57 -19.86 10.18
C10 LFA E . 10.89 -20.35 11.58
C1 LFA F . -5.40 -6.48 -19.40
C2 LFA F . -3.94 -6.88 -19.37
C3 LFA F . -2.97 -5.75 -19.60
C4 LFA F . -1.74 -5.77 -18.72
C5 LFA F . -0.49 -5.32 -19.42
C6 LFA F . 0.59 -4.83 -18.50
C1 LFA G . 9.10 -24.24 -12.84
C2 LFA G . 9.91 -23.50 -11.81
C3 LFA G . 11.35 -23.30 -12.19
C4 LFA G . 12.23 -22.80 -11.08
C5 LFA G . 13.31 -21.85 -11.53
C6 LFA G . 14.50 -21.77 -10.60
C7 LFA G . 15.82 -21.58 -11.29
C8 LFA G . 16.44 -20.22 -11.09
C1 LFA H . -3.25 -20.02 10.61
C2 LFA H . -1.86 -19.74 10.10
C3 LFA H . -0.84 -19.49 11.17
C4 LFA H . 0.34 -18.66 10.76
C5 LFA H . 0.49 -17.37 11.52
C6 LFA H . 1.51 -17.44 12.63
C7 LFA H . 1.88 -16.10 13.21
C8 LFA H . 3.37 -15.88 13.30
C9 LFA H . 4.03 -16.60 14.45
C10 LFA H . 5.30 -17.33 14.05
C11 LFA H . 6.23 -17.65 15.19
C12 LFA H . 7.68 -17.57 14.81
C1 LFA I . 8.71 -0.97 -7.32
C2 LFA I . 8.76 -1.35 -5.86
C3 LFA I . 8.75 -0.18 -4.91
C4 LFA I . 8.52 -0.51 -3.47
C5 LFA I . 8.04 0.63 -2.62
C6 LFA I . 8.46 0.57 -1.17
C7 LFA I . 9.91 0.88 -0.93
C8 LFA I . 10.31 0.98 0.53
C9 LFA I . 11.48 1.90 0.77
C10 LFA I . 12.36 1.53 1.94
C1 LFA J . -1.01 -23.45 6.30
C2 LFA J . -0.50 -22.57 7.41
C3 LFA J . 0.98 -22.73 7.69
C4 LFA J . 1.61 -21.57 8.42
C5 LFA J . 3.07 -21.34 8.10
C6 LFA J . 3.51 -19.91 8.23
C7 LFA J . 4.90 -19.74 8.77
C8 LFA J . 5.08 -20.26 10.18
C9 LFA J . 5.97 -19.41 11.03
C10 LFA J . 6.86 -20.19 11.97
C1 LFA K . -5.83 -1.74 3.61
C2 LFA K . -4.43 -2.31 3.48
C3 LFA K . -3.95 -2.92 4.76
C4 LFA K . -2.60 -2.45 5.23
C5 LFA K . -2.27 -2.89 6.63
C6 LFA K . -0.94 -2.40 7.16
C7 LFA K . -0.42 -3.16 8.34
C8 LFA K . 0.56 -2.39 9.21
C9 LFA K . 1.99 -2.38 8.71
C10 LFA K . 2.61 -1.00 8.67
C11 LFA K . 4.06 -0.99 8.23
C12 LFA K . 4.54 0.35 7.72
C13 LFA K . 5.47 0.28 6.53
C14 LFA K . 6.94 0.43 6.89
C15 LFA K . 7.84 0.84 5.76
C16 LFA K . 9.32 0.70 6.08
C17 LFA K . 10.09 1.99 6.06
C18 LFA K . 11.21 2.08 7.08
C1 LFA L . -11.56 -19.90 10.76
C2 LFA L . -10.52 -20.61 11.57
C3 LFA L . -9.30 -19.78 11.85
C4 LFA L . -8.75 -19.93 13.26
C5 LFA L . -7.28 -20.27 13.31
C6 LFA L . -6.74 -20.46 14.71
C1 LFA M . -2.63 -8.23 -29.12
C2 LFA M . -1.12 -8.21 -29.16
C3 LFA M . -0.47 -7.49 -28.01
C4 LFA M . 1.04 -7.47 -28.08
C5 LFA M . 1.74 -7.58 -26.74
C6 LFA M . 3.07 -8.28 -26.78
C4 LFA N . -8.56 -32.41 -3.44
C5 LFA N . -8.72 -31.12 -2.68
C6 LFA N . -7.92 -31.04 -1.40
C7 LFA N . -6.75 -30.08 -1.45
C8 LFA N . -5.92 -30.04 -0.19
C9 LFA N . -4.52 -29.49 -0.38
C10 LFA N . -3.55 -29.88 0.70
C11 LFA N . -2.14 -29.35 0.53
C12 LFA N . -1.35 -29.31 1.81
C13 LFA N . 0.11 -28.96 1.63
C14 LFA N . 0.93 -29.03 2.91
C15 LFA N . 0.12 -28.98 4.19
C16 LFA N . 0.40 -27.80 5.07
C2 LFA O . -6.51 -33.58 -4.47
C3 LFA O . -5.37 -32.74 -4.97
C4 LFA O . -4.09 -32.91 -4.21
C5 LFA O . -2.92 -32.20 -4.82
C6 LFA O . -1.93 -31.62 -3.84
C7 LFA O . -0.79 -30.86 -4.48
C1 OLB P . -2.72 -0.62 -1.12
C2 OLB P . -1.69 -0.59 -0.02
O19 OLB P . -2.51 0.00 -2.15
O20 OLB P . -3.98 -1.35 -0.98
C21 OLB P . -5.03 -1.13 -1.90
C22 OLB P . -6.30 -1.73 -1.33
O23 OLB P . -7.51 -1.30 -1.98
C24 OLB P . -6.20 -3.21 -1.57
O25 OLB P . -6.96 -3.41 -2.75
C24 OLC Q . -9.32 -5.93 -9.95
C6 OLC Q . 0.02 -4.58 -14.15
C5 OLC Q . -0.48 -5.65 -13.19
C4 OLC Q . -1.96 -5.92 -13.37
C3 OLC Q . -2.60 -6.24 -12.02
C2 OLC Q . -3.95 -6.92 -12.20
C21 OLC Q . -7.61 -5.71 -11.76
C1 OLC Q . -5.12 -6.00 -11.90
C22 OLC Q . -8.76 -6.55 -11.23
O19 OLC Q . -4.96 -4.82 -11.67
O25 OLC Q . -9.78 -6.98 -9.09
O23 OLC Q . -9.81 -6.64 -12.19
O20 OLC Q . -6.47 -6.55 -11.92
C9 OLC R . 20.36 -13.48 -16.22
C8 OLC R . 19.47 -14.63 -15.81
C24 OLC R . 9.00 -20.90 -21.63
C7 OLC R . 18.11 -14.57 -16.48
C6 OLC R . 17.93 -15.65 -17.53
C5 OLC R . 16.46 -15.79 -17.91
C4 OLC R . 16.20 -17.12 -18.62
C3 OLC R . 14.89 -17.09 -19.40
C2 OLC R . 14.26 -18.48 -19.46
C21 OLC R . 10.73 -19.34 -20.78
C1 OLC R . 13.00 -18.45 -20.28
C22 OLC R . 9.99 -20.64 -20.51
O19 OLC R . 12.96 -17.83 -21.33
O25 OLC R . 9.34 -22.10 -22.32
O23 OLC R . 10.90 -21.75 -20.42
O20 OLC R . 11.80 -19.13 -19.85
C1 RET S . 2.64 -16.09 -12.81
C2 RET S . 2.49 -16.21 -14.32
C3 RET S . 3.15 -17.45 -14.88
C4 RET S . 4.65 -17.19 -14.76
C5 RET S . 5.00 -16.81 -13.35
C6 RET S . 4.12 -16.37 -12.41
C7 RET S . 4.61 -16.13 -11.04
C8 RET S . 3.84 -15.76 -10.00
C9 RET S . 4.43 -15.56 -8.68
C10 RET S . 3.59 -15.23 -7.59
C11 RET S . 4.05 -15.06 -6.25
C12 RET S . 3.04 -14.79 -5.34
C13 RET S . 3.33 -14.44 -3.96
C14 RET S . 2.28 -13.98 -3.16
C15 RET S . 2.36 -13.52 -1.87
C16 RET S . 2.30 -14.62 -12.46
C17 RET S . 1.71 -17.04 -12.11
C18 RET S . 6.47 -17.01 -13.01
C19 RET S . 5.92 -15.86 -8.51
C20 RET S . 4.74 -14.57 -3.40
C1 LFA T . -7.04 24.75 -7.58
C2 LFA T . -5.64 24.90 -7.03
C3 LFA T . -5.44 24.25 -5.69
C4 LFA T . -4.15 24.59 -5.00
C5 LFA T . -3.18 23.45 -4.87
C6 LFA T . -1.72 23.86 -4.91
C7 LFA T . -1.03 23.54 -6.19
C8 LFA T . 0.08 24.49 -6.59
C1 LFA U . -4.79 17.61 -12.08
C2 LFA U . -3.73 16.64 -12.57
C3 LFA U . -2.56 17.32 -13.22
C4 LFA U . -1.22 16.71 -12.86
C5 LFA U . -0.05 17.62 -13.13
C6 LFA U . -0.02 18.85 -12.25
C7 LFA U . 1.29 19.60 -12.26
C8 LFA U . 1.15 21.10 -12.38
C1 LFA V . -6.18 -1.01 9.17
C2 LFA V . -4.90 -0.33 9.59
C3 LFA V . -4.36 0.61 8.55
C4 LFA V . -2.97 1.11 8.78
C5 LFA V . -2.59 2.31 7.96
C6 LFA V . -1.10 2.55 7.86
C7 LFA V . -0.66 3.15 6.55
C8 LFA V . 0.10 2.22 5.64
C9 LFA V . 0.48 2.84 4.32
C10 LFA V . 1.43 2.03 3.48
C1 LFA W . -12.22 22.00 -1.72
C2 LFA W . -10.89 21.62 -1.11
C3 LFA W . -9.73 22.43 -1.62
C4 LFA W . -9.92 23.91 -1.43
C5 LFA W . -8.77 24.74 -1.94
C6 LFA W . -7.62 24.83 -0.98
C7 LFA W . -6.43 25.55 -1.54
C8 LFA W . -5.45 26.01 -0.50
C9 LFA W . -4.29 26.80 -1.07
C10 LFA W . -3.03 26.77 -0.23
C11 LFA W . -1.87 27.51 -0.84
C12 LFA W . -1.03 26.70 -1.78
C13 LFA W . -0.04 27.49 -2.61
C14 LFA W . -0.61 27.99 -3.90
C15 LFA W . 0.40 28.19 -5.00
C16 LFA W . -0.21 28.21 -6.38
C1 LFA X . -17.66 0.10 13.60
C2 LFA X . -16.27 -0.48 13.48
C3 LFA X . -15.16 0.55 13.49
C4 LFA X . -14.09 0.31 14.54
C5 LFA X . -12.79 1.01 14.27
C6 LFA X . -12.17 1.64 15.47
C1 LFA Y . -2.02 0.97 -6.13
C2 LFA Y . -0.64 1.53 -5.97
C3 LFA Y . -0.11 2.22 -7.20
C4 LFA Y . 1.23 2.87 -7.04
C5 LFA Y . 1.68 3.67 -8.24
C6 LFA Y . 3.14 4.08 -8.23
C7 LFA Y . 3.76 4.11 -6.86
C8 LFA Y . 4.97 4.99 -6.73
C9 LFA Y . 6.18 4.30 -6.15
C10 LFA Y . 6.08 4.02 -4.68
C11 LFA Y . 7.39 4.17 -3.95
C12 LFA Y . 7.29 4.34 -2.45
C13 LFA Y . 8.30 5.33 -1.91
C14 LFA Y . 8.90 4.98 -0.58
C15 LFA Y . 10.15 5.76 -0.29
C16 LFA Y . 10.64 5.66 1.13
C1 LFA Z . -16.60 21.37 11.68
C2 LFA Z . -15.50 21.90 10.78
C3 LFA Z . -14.13 21.75 11.38
C4 LFA Z . -13.13 22.80 10.97
C5 LFA Z . -12.25 23.29 12.10
C6 LFA Z . -10.83 23.60 11.72
C7 LFA Z . -9.87 23.62 12.89
C8 LFA Z . -8.42 23.47 12.50
C9 LFA Z . -7.55 24.62 12.92
C10 LFA Z . -6.48 24.25 13.92
C11 LFA Z . -5.24 25.10 13.83
C12 LFA Z . -4.35 25.06 15.04
C1 LFA AA . -17.15 21.91 14.87
C2 LFA AA . -16.33 22.12 16.11
C3 LFA AA . -14.91 22.54 15.87
C4 LFA AA . -13.97 22.22 17.01
C5 LFA AA . -12.50 22.33 16.67
C6 LFA AA . -11.93 23.72 16.77
C1 LFA BA . 7.08 4.90 5.53
C2 LFA BA . 5.60 4.60 5.66
C3 LFA BA . 5.08 4.86 7.04
C4 LFA BA . 3.61 4.58 7.27
C5 LFA BA . 3.26 4.28 8.71
C6 LFA BA . 2.03 4.97 9.22
C7 LFA BA . 1.67 4.62 10.64
C8 LFA BA . 0.76 3.42 10.77
C1 LFA CA . -6.33 20.08 -9.35
C2 LFA CA . -4.92 19.67 -9.07
C3 LFA CA . -4.18 20.62 -8.17
C4 LFA CA . -2.67 20.61 -8.29
C5 LFA CA . -2.14 20.89 -9.68
C6 LFA CA . -1.82 22.35 -9.96
C7 LFA CA . -1.21 22.59 -11.31
C1 LFA DA . 4.53 1.42 12.60
C2 LFA DA . 5.65 2.44 12.56
C3 LFA DA . 6.45 2.41 11.30
C4 LFA DA . 7.64 3.34 11.26
C5 LFA DA . 8.38 3.30 9.95
C6 LFA DA . 9.27 4.46 9.69
C7 LFA DA . 9.50 4.71 8.21
C1 LFA EA . 12.55 4.16 -19.45
C2 LFA EA . 12.33 5.52 -18.84
C3 LFA EA . 10.88 5.92 -18.75
C4 LFA EA . 10.66 7.19 -17.96
C5 LFA EA . 9.35 7.87 -18.26
C6 LFA EA . 8.96 8.89 -17.21
C7 LFA EA . 7.63 9.56 -17.46
C8 LFA EA . 6.45 8.64 -17.45
C9 LFA EA . 6.04 8.16 -16.09
C10 LFA EA . 5.45 6.78 -16.10
C1 LFA FA . 13.12 6.29 -1.01
C2 LFA FA . 14.43 7.03 -1.08
C3 LFA FA . 14.94 7.24 -2.49
C4 LFA FA . 16.21 8.05 -2.58
C5 LFA FA . 16.43 8.70 -3.93
C6 LFA FA . 16.71 7.74 -5.06
C1 OLB GA . -13.20 -0.17 6.02
C2 OLB GA . -12.75 1.20 6.44
C3 OLB GA . -11.74 1.10 7.58
C4 OLB GA . -11.27 2.49 7.98
C5 OLB GA . -10.24 2.48 9.10
O19 OLB GA . -12.60 -1.15 6.42
O20 OLB GA . -14.32 -0.36 5.11
C21 OLB GA . -14.83 -1.69 4.93
C22 OLB GA . -15.55 -1.89 3.59
O23 OLB GA . -16.96 -1.74 3.79
C24 OLB GA . -15.06 -0.89 2.55
O25 OLB GA . -15.05 -1.41 1.23
C6 OLB GA . -10.68 1.72 10.34
C7 OLB GA . -9.55 1.66 11.36
C9 OLC HA . -7.39 16.91 -12.96
C8 OLC HA . -7.22 16.66 -14.43
C24 OLC HA . -16.05 11.75 -21.16
C7 OLC HA . -8.56 16.24 -15.01
C6 OLC HA . -8.41 15.51 -16.34
C5 OLC HA . -9.79 15.11 -16.87
C4 OLC HA . -9.75 14.48 -18.25
C3 OLC HA . -11.08 13.81 -18.60
C2 OLC HA . -11.24 12.54 -17.80
C21 OLC HA . -14.91 11.90 -18.93
C1 OLC HA . -12.56 11.84 -18.05
C22 OLC HA . -15.28 10.98 -20.10
O19 OLC HA . -12.79 10.80 -17.46
O25 OLC HA . -16.26 10.92 -22.32
O23 OLC HA . -14.13 10.39 -20.73
O20 OLC HA . -13.55 12.36 -18.98
C9 OLC IA . -17.55 19.83 20.33
C8 OLC IA . -17.09 18.96 19.18
C24 OLC IA . -4.01 19.82 20.50
C7 OLC IA . -15.63 19.24 18.84
C6 OLC IA . -14.71 18.73 19.94
C5 OLC IA . -13.27 18.58 19.48
C4 OLC IA . -12.32 19.02 20.59
C3 OLC IA . -11.12 19.75 19.98
C2 OLC IA . -10.22 20.34 21.06
C21 OLC IA . -6.46 19.53 20.74
C1 OLC IA . -8.93 19.56 21.14
C22 OLC IA . -5.20 20.08 21.42
O19 OLC IA . -8.97 18.36 21.23
O25 OLC IA . -2.77 20.21 21.15
O23 OLC IA . -5.34 21.48 21.71
O20 OLC IA . -7.64 20.24 21.16
C1 RET JA . -13.60 12.61 9.53
C2 RET JA . -14.54 12.37 10.74
C3 RET JA . -15.05 13.66 11.29
C4 RET JA . -13.86 14.28 12.04
C5 RET JA . -12.73 14.43 11.06
C6 RET JA . -12.58 13.71 9.91
C7 RET JA . -11.40 14.03 9.07
C8 RET JA . -11.15 13.50 7.84
C9 RET JA . -10.00 13.90 7.05
C10 RET JA . -9.81 13.37 5.78
C11 RET JA . -8.76 13.70 4.91
C12 RET JA . -8.81 13.04 3.70
C13 RET JA . -7.78 13.16 2.69
C14 RET JA . -7.86 12.35 1.52
C15 RET JA . -6.86 12.20 0.58
C16 RET JA . -12.78 11.32 9.36
C17 RET JA . -14.41 12.92 8.30
C18 RET JA . -11.69 15.42 11.50
C19 RET JA . -9.04 14.95 7.57
C20 RET JA . -6.60 14.11 2.91
#